data_8RP7
#
_entry.id   8RP7
#
_cell.length_a   36.784
_cell.length_b   115.582
_cell.length_c   63.538
_cell.angle_alpha   90.000
_cell.angle_beta   101.062
_cell.angle_gamma   90.000
#
_symmetry.space_group_name_H-M   'P 1 21 1'
#
loop_
_entity.id
_entity.type
_entity.pdbx_description
1 polymer 'Aminodeoxychorismate synthase component 2'
2 water water
#
_entity_poly.entity_id   1
_entity_poly.type   'polypeptide(L)'
_entity_poly.pdbx_seq_one_letter_code
;GGMILLIDNYDSFTWNLYQYFCELGADVLVKRNDALTLADIDALKPQKIVISPGPCTPDEAGISLDVIRHYAGRLPILGV
CLGHQAMAQAFGGKVVRAAKVMHGKTSPITHNGEGVFRGLANPLTVTRYHSLVVEPDSLPACFDVTAWSETREIMGIRHR
QWDLEGVQFHPESILSEQGHQLLANFLHR
;
_entity_poly.pdbx_strand_id   AAA,BBB,CCC
#
# COMPACT_ATOMS: atom_id res chain seq x y z
N GLY A 1 15.49 -1.65 15.41
CA GLY A 1 16.83 -1.81 14.76
C GLY A 1 17.86 -2.41 15.72
N GLY A 2 18.00 -1.83 16.91
CA GLY A 2 18.91 -2.33 17.95
C GLY A 2 18.30 -3.54 18.68
N MET A 3 17.50 -3.27 19.70
CA MET A 3 17.33 -4.22 20.82
C MET A 3 16.09 -5.08 20.60
N ILE A 4 16.29 -6.39 20.46
CA ILE A 4 15.22 -7.38 20.21
C ILE A 4 15.00 -8.17 21.48
N LEU A 5 13.77 -8.18 21.98
CA LEU A 5 13.33 -9.13 23.01
C LEU A 5 12.79 -10.36 22.32
N LEU A 6 13.51 -11.47 22.41
CA LEU A 6 13.02 -12.78 21.95
C LEU A 6 12.45 -13.52 23.15
N ILE A 7 11.19 -13.95 23.06
CA ILE A 7 10.53 -14.68 24.16
C ILE A 7 10.62 -16.19 23.90
N ASP A 8 11.38 -16.87 24.74
CA ASP A 8 11.55 -18.34 24.65
C ASP A 8 10.28 -19.02 25.15
N ASN A 9 9.58 -19.73 24.28
CA ASN A 9 8.44 -20.59 24.68
C ASN A 9 8.92 -22.04 24.73
N TYR A 10 10.18 -22.25 25.14
CA TYR A 10 10.79 -23.59 25.37
C TYR A 10 10.87 -24.38 24.06
N ASP A 11 11.59 -23.83 23.10
CA ASP A 11 11.95 -24.53 21.85
C ASP A 11 13.46 -24.41 21.62
N SER A 12 14.04 -25.34 20.86
CA SER A 12 15.47 -25.27 20.49
C SER A 12 15.63 -24.19 19.41
N PHE A 13 14.53 -23.84 18.72
CA PHE A 13 14.56 -22.98 17.52
C PHE A 13 14.70 -21.51 17.93
N THR A 14 14.51 -21.19 19.19
CA THR A 14 14.63 -19.80 19.68
C THR A 14 16.10 -19.39 19.58
N TRP A 15 17.01 -20.35 19.68
CA TRP A 15 18.46 -20.07 19.57
C TRP A 15 18.87 -19.92 18.12
N ASN A 16 18.20 -20.59 17.21
CA ASN A 16 18.40 -20.34 15.75
C ASN A 16 18.05 -18.87 15.48
N LEU A 17 16.87 -18.46 15.91
CA LEU A 17 16.43 -17.05 15.77
C LEU A 17 17.47 -16.12 16.42
N TYR A 18 18.01 -16.50 17.57
CA TYR A 18 19.00 -15.66 18.28
C TYR A 18 20.18 -15.45 17.34
N GLN A 19 20.76 -16.54 16.84
CA GLN A 19 21.93 -16.47 15.96
C GLN A 19 21.57 -15.63 14.74
N TYR A 20 20.44 -15.94 14.09
CA TYR A 20 20.06 -15.27 12.82
C TYR A 20 20.00 -13.75 13.04
N PHE A 21 19.33 -13.32 14.11
CA PHE A 21 19.11 -11.88 14.40
C PHE A 21 20.44 -11.21 14.77
N CYS A 22 21.29 -11.91 15.51
CA CYS A 22 22.63 -11.40 15.93
C CYS A 22 23.49 -11.22 14.68
N GLU A 23 23.38 -12.12 13.71
CA GLU A 23 24.18 -12.05 12.47
C GLU A 23 23.71 -10.84 11.65
N LEU A 24 22.48 -10.39 11.86
CA LEU A 24 21.94 -9.20 11.15
C LEU A 24 22.23 -7.93 11.95
N GLY A 25 23.01 -8.05 13.02
CA GLY A 25 23.56 -6.90 13.75
C GLY A 25 22.65 -6.42 14.85
N ALA A 26 21.62 -7.17 15.20
CA ALA A 26 20.69 -6.83 16.29
C ALA A 26 21.26 -7.21 17.66
N ASP A 27 20.95 -6.37 18.64
CA ASP A 27 21.16 -6.64 20.08
C ASP A 27 19.98 -7.48 20.57
N VAL A 28 20.18 -8.77 20.77
CA VAL A 28 19.06 -9.70 21.10
C VAL A 28 19.15 -10.11 22.57
N LEU A 29 18.00 -10.20 23.22
CA LEU A 29 17.91 -10.68 24.63
C LEU A 29 16.83 -11.75 24.70
N VAL A 30 17.15 -12.90 25.27
CA VAL A 30 16.29 -14.12 25.24
C VAL A 30 15.79 -14.38 26.65
N LYS A 31 14.49 -14.25 26.86
CA LYS A 31 13.87 -14.41 28.20
C LYS A 31 12.75 -15.45 28.08
N ARG A 32 12.62 -16.31 29.07
CA ARG A 32 11.64 -17.41 29.03
C ARG A 32 10.26 -16.87 29.38
N ASN A 33 9.21 -17.48 28.82
CA ASN A 33 7.82 -16.95 28.90
C ASN A 33 7.33 -16.94 30.35
N ASP A 34 7.97 -17.70 31.25
CA ASP A 34 7.51 -17.85 32.66
C ASP A 34 8.42 -17.05 33.60
N ALA A 35 9.48 -16.42 33.09
CA ALA A 35 10.49 -15.71 33.92
C ALA A 35 10.35 -14.21 33.69
N LEU A 36 9.14 -13.75 33.36
CA LEU A 36 8.92 -12.35 32.94
C LEU A 36 7.55 -11.90 33.41
N THR A 37 7.47 -10.62 33.75
CA THR A 37 6.23 -9.84 33.87
C THR A 37 6.31 -8.74 32.82
N LEU A 38 5.19 -8.06 32.58
CA LEU A 38 5.14 -6.93 31.62
C LEU A 38 5.96 -5.78 32.21
N ALA A 39 5.98 -5.62 33.53
CA ALA A 39 6.83 -4.62 34.21
C ALA A 39 8.30 -4.87 33.84
N ASP A 40 8.72 -6.13 33.74
CA ASP A 40 10.10 -6.50 33.33
C ASP A 40 10.44 -5.85 32.00
N ILE A 41 9.55 -5.95 31.03
CA ILE A 41 9.85 -5.61 29.60
C ILE A 41 10.05 -4.10 29.47
N ASP A 42 9.43 -3.30 30.33
CA ASP A 42 9.63 -1.85 30.32
C ASP A 42 11.07 -1.53 30.72
N ALA A 43 11.63 -2.26 31.68
CA ALA A 43 13.02 -2.08 32.15
C ALA A 43 13.97 -2.39 30.99
N LEU A 44 13.67 -3.41 30.19
CA LEU A 44 14.61 -3.91 29.14
C LEU A 44 14.61 -2.96 27.95
N LYS A 45 13.51 -2.23 27.73
CA LYS A 45 13.37 -1.20 26.65
C LYS A 45 13.62 -1.84 25.29
N PRO A 46 12.84 -2.86 24.89
CA PRO A 46 13.00 -3.45 23.57
C PRO A 46 12.50 -2.55 22.44
N GLN A 47 13.11 -2.72 21.29
CA GLN A 47 12.83 -1.98 20.05
C GLN A 47 11.82 -2.80 19.24
N LYS A 48 11.94 -4.14 19.29
CA LYS A 48 11.00 -5.08 18.65
C LYS A 48 10.88 -6.34 19.52
N ILE A 49 9.79 -7.08 19.34
CA ILE A 49 9.55 -8.35 20.10
C ILE A 49 9.38 -9.49 19.11
N VAL A 50 9.92 -10.64 19.46
CA VAL A 50 9.69 -11.88 18.69
C VAL A 50 9.17 -12.96 19.64
N ILE A 51 8.08 -13.60 19.26
CA ILE A 51 7.50 -14.74 20.02
C ILE A 51 7.91 -16.02 19.32
N SER A 52 8.60 -16.90 20.05
CA SER A 52 9.24 -18.15 19.56
C SER A 52 8.19 -19.24 19.35
N PRO A 53 8.55 -20.30 18.62
CA PRO A 53 7.78 -21.54 18.67
C PRO A 53 7.81 -22.20 20.05
N GLY A 54 7.03 -23.26 20.19
CA GLY A 54 7.02 -24.05 21.42
C GLY A 54 6.03 -25.20 21.35
N PRO A 55 6.27 -26.26 22.16
CA PRO A 55 5.45 -27.46 22.09
C PRO A 55 4.02 -27.21 22.66
N CYS A 56 3.86 -26.18 23.50
CA CYS A 56 2.56 -25.82 24.12
C CYS A 56 1.58 -25.19 23.11
N THR A 57 0.43 -24.76 23.62
CA THR A 57 -0.57 -23.93 22.92
C THR A 57 -0.45 -22.52 23.49
N PRO A 58 -0.97 -21.47 22.82
CA PRO A 58 -0.87 -20.11 23.36
C PRO A 58 -1.34 -19.93 24.82
N ASP A 59 -2.37 -20.69 25.22
CA ASP A 59 -2.92 -20.62 26.59
C ASP A 59 -1.86 -21.03 27.60
N GLU A 60 -1.00 -21.99 27.26
CA GLU A 60 0.03 -22.55 28.17
C GLU A 60 1.38 -21.86 27.92
N ALA A 61 1.42 -20.77 27.16
CA ALA A 61 2.70 -20.16 26.71
C ALA A 61 3.12 -19.03 27.65
N GLY A 62 2.80 -19.12 28.94
CA GLY A 62 3.08 -18.04 29.92
C GLY A 62 2.58 -16.68 29.43
N ILE A 63 3.49 -15.70 29.30
CA ILE A 63 3.06 -14.27 29.16
C ILE A 63 2.85 -13.91 27.71
N SER A 64 3.19 -14.78 26.77
CA SER A 64 3.13 -14.50 25.32
C SER A 64 1.84 -13.78 24.93
N LEU A 65 0.68 -14.33 25.33
CA LEU A 65 -0.64 -13.71 25.04
C LEU A 65 -0.69 -12.32 25.68
N ASP A 66 -0.28 -12.19 26.93
CA ASP A 66 -0.30 -10.90 27.65
C ASP A 66 0.58 -9.89 26.91
N VAL A 67 1.71 -10.33 26.36
CA VAL A 67 2.71 -9.38 25.77
C VAL A 67 2.14 -8.81 24.48
N ILE A 68 1.62 -9.67 23.62
CA ILE A 68 1.05 -9.25 22.32
C ILE A 68 -0.04 -8.23 22.60
N ARG A 69 -0.91 -8.49 23.57
CA ARG A 69 -2.09 -7.64 23.82
C ARG A 69 -1.65 -6.28 24.35
N HIS A 70 -0.59 -6.21 25.15
CA HIS A 70 -0.18 -4.95 25.81
C HIS A 70 0.73 -4.12 24.93
N TYR A 71 1.55 -4.74 24.11
CA TYR A 71 2.59 -4.03 23.35
C TYR A 71 2.19 -3.88 21.89
N ALA A 72 1.07 -4.44 21.48
CA ALA A 72 0.46 -4.22 20.15
C ALA A 72 0.33 -2.72 19.91
N GLY A 73 0.96 -2.25 18.83
CA GLY A 73 0.90 -0.84 18.40
C GLY A 73 1.90 0.03 19.09
N ARG A 74 2.74 -0.50 19.97
CA ARG A 74 3.80 0.28 20.65
C ARG A 74 5.16 -0.15 20.12
N LEU A 75 5.36 -1.45 19.93
CA LEU A 75 6.58 -1.98 19.29
C LEU A 75 6.17 -2.99 18.21
N PRO A 76 6.95 -3.15 17.14
CA PRO A 76 6.78 -4.27 16.20
C PRO A 76 6.90 -5.63 16.91
N ILE A 77 6.00 -6.55 16.55
CA ILE A 77 6.00 -7.94 17.07
C ILE A 77 5.97 -8.91 15.89
N LEU A 78 6.86 -9.90 15.91
CA LEU A 78 6.92 -11.01 14.91
C LEU A 78 6.65 -12.32 15.62
N GLY A 79 5.61 -13.03 15.20
CA GLY A 79 5.25 -14.35 15.77
C GLY A 79 5.72 -15.50 14.89
N VAL A 80 6.42 -16.48 15.44
CA VAL A 80 6.83 -17.69 14.67
C VAL A 80 6.08 -18.91 15.23
N CYS A 81 5.38 -19.62 14.36
CA CYS A 81 4.60 -20.83 14.70
C CYS A 81 3.72 -20.50 15.91
N LEU A 82 3.98 -21.09 17.07
CA LEU A 82 3.25 -20.76 18.32
C LEU A 82 2.97 -19.25 18.38
N GLY A 83 3.97 -18.41 18.17
CA GLY A 83 3.78 -16.96 18.28
C GLY A 83 2.77 -16.47 17.25
N HIS A 84 2.77 -17.09 16.08
CA HIS A 84 1.80 -16.77 14.99
C HIS A 84 0.39 -17.11 15.46
N GLN A 85 0.21 -18.29 16.05
CA GLN A 85 -1.08 -18.72 16.63
C GLN A 85 -1.45 -17.82 17.82
N ALA A 86 -0.50 -17.51 18.68
CA ALA A 86 -0.73 -16.63 19.84
C ALA A 86 -1.22 -15.27 19.34
N MET A 87 -0.73 -14.82 18.19
CA MET A 87 -1.11 -13.49 17.64
C MET A 87 -2.57 -13.52 17.18
N ALA A 88 -3.00 -14.60 16.53
CA ALA A 88 -4.40 -14.77 16.12
C ALA A 88 -5.29 -14.80 17.36
N GLN A 89 -4.98 -15.71 18.29
CA GLN A 89 -5.78 -15.96 19.51
C GLN A 89 -5.92 -14.65 20.32
N ALA A 90 -4.83 -13.90 20.43
CA ALA A 90 -4.78 -12.61 21.15
C ALA A 90 -5.94 -11.71 20.73
N PHE A 91 -6.32 -11.72 19.46
CA PHE A 91 -7.40 -10.84 18.94
C PHE A 91 -8.64 -11.66 18.63
N GLY A 92 -8.83 -12.77 19.32
CA GLY A 92 -10.08 -13.57 19.23
C GLY A 92 -10.00 -14.62 18.15
N GLY A 93 -8.79 -14.98 17.73
CA GLY A 93 -8.57 -16.04 16.73
C GLY A 93 -8.88 -17.42 17.28
N LYS A 94 -9.07 -18.36 16.37
CA LYS A 94 -9.41 -19.77 16.68
C LYS A 94 -8.38 -20.66 15.98
N VAL A 95 -7.70 -21.49 16.74
CA VAL A 95 -6.67 -22.42 16.21
C VAL A 95 -7.31 -23.82 16.11
N VAL A 96 -7.18 -24.45 14.94
CA VAL A 96 -7.86 -25.74 14.63
C VAL A 96 -6.83 -26.75 14.12
N ARG A 97 -7.23 -28.02 14.06
CA ARG A 97 -6.35 -29.12 13.57
C ARG A 97 -6.06 -28.89 12.09
N ALA A 98 -4.86 -29.24 11.65
CA ALA A 98 -4.43 -29.16 10.24
C ALA A 98 -4.87 -30.40 9.45
N ALA A 99 -4.88 -30.28 8.12
CA ALA A 99 -5.27 -31.36 7.18
C ALA A 99 -4.29 -32.53 7.36
N LYS A 100 -3.00 -32.20 7.44
CA LYS A 100 -1.92 -33.19 7.69
C LYS A 100 -0.91 -32.57 8.64
N VAL A 101 -0.57 -33.26 9.71
CA VAL A 101 0.43 -32.76 10.70
C VAL A 101 1.81 -32.92 10.06
N MET A 102 2.63 -31.88 10.12
CA MET A 102 3.91 -31.86 9.39
C MET A 102 5.05 -31.68 10.37
N HIS A 103 5.94 -32.67 10.42
CA HIS A 103 7.01 -32.80 11.43
C HIS A 103 8.34 -32.61 10.72
N GLY A 104 8.46 -31.60 9.87
CA GLY A 104 9.77 -31.24 9.29
C GLY A 104 9.80 -31.10 7.78
N LYS A 105 8.68 -31.24 7.09
CA LYS A 105 8.70 -31.21 5.62
C LYS A 105 8.66 -29.75 5.14
N THR A 106 9.20 -29.63 3.93
CA THR A 106 9.40 -28.36 3.20
C THR A 106 8.37 -28.34 2.08
N SER A 107 7.69 -27.24 1.88
CA SER A 107 6.53 -27.22 0.97
C SER A 107 6.34 -25.81 0.43
N PRO A 108 5.70 -25.67 -0.75
CA PRO A 108 5.55 -24.38 -1.39
C PRO A 108 4.29 -23.62 -0.91
N ILE A 109 4.52 -22.43 -0.36
CA ILE A 109 3.46 -21.48 0.01
C ILE A 109 3.47 -20.33 -0.99
N THR A 110 2.31 -19.75 -1.22
CA THR A 110 2.17 -18.50 -2.01
C THR A 110 1.98 -17.35 -1.01
N HIS A 111 2.55 -16.18 -1.31
CA HIS A 111 2.41 -14.99 -0.45
C HIS A 111 2.04 -13.75 -1.26
N ASN A 112 1.79 -12.64 -0.57
CA ASN A 112 1.38 -11.34 -1.15
C ASN A 112 2.60 -10.48 -1.48
N GLY A 113 3.81 -10.95 -1.16
CA GLY A 113 5.04 -10.20 -1.43
C GLY A 113 5.10 -8.87 -0.69
N GLU A 114 4.40 -8.77 0.44
CA GLU A 114 4.46 -7.59 1.34
C GLU A 114 4.97 -8.05 2.71
N GLY A 115 5.21 -7.11 3.60
CA GLY A 115 5.68 -7.39 4.96
C GLY A 115 6.99 -8.12 4.91
N VAL A 116 7.08 -9.28 5.55
CA VAL A 116 8.35 -10.03 5.64
C VAL A 116 8.62 -10.73 4.30
N PHE A 117 7.65 -10.73 3.39
CA PHE A 117 7.80 -11.40 2.07
C PHE A 117 8.25 -10.42 0.99
N ARG A 118 8.45 -9.13 1.29
CA ARG A 118 8.90 -8.16 0.26
C ARG A 118 10.24 -8.59 -0.30
N GLY A 119 10.32 -8.74 -1.62
CA GLY A 119 11.56 -9.13 -2.31
C GLY A 119 11.82 -10.63 -2.19
N LEU A 120 10.80 -11.41 -1.85
CA LEU A 120 10.92 -12.88 -1.83
C LEU A 120 10.23 -13.45 -3.07
N ALA A 121 10.81 -14.52 -3.59
CA ALA A 121 10.28 -15.36 -4.69
C ALA A 121 8.90 -15.86 -4.29
N ASN A 122 7.96 -15.86 -5.22
CA ASN A 122 6.64 -16.49 -5.04
C ASN A 122 6.41 -17.44 -6.21
N PRO A 123 6.01 -18.71 -5.99
CA PRO A 123 5.90 -19.32 -4.67
C PRO A 123 7.23 -19.56 -3.94
N LEU A 124 7.13 -19.90 -2.66
CA LEU A 124 8.27 -19.95 -1.71
C LEU A 124 8.21 -21.28 -0.98
N THR A 125 9.32 -22.03 -0.96
CA THR A 125 9.36 -23.33 -0.25
C THR A 125 9.86 -23.06 1.17
N VAL A 126 9.08 -23.54 2.14
CA VAL A 126 9.33 -23.32 3.58
C VAL A 126 9.29 -24.66 4.29
N THR A 127 9.79 -24.70 5.52
CA THR A 127 9.78 -25.91 6.36
C THR A 127 8.76 -25.76 7.49
N ARG A 128 7.93 -26.77 7.70
CA ARG A 128 6.78 -26.72 8.64
C ARG A 128 7.04 -27.64 9.83
N TYR A 129 6.74 -27.19 11.04
CA TYR A 129 6.83 -27.98 12.29
C TYR A 129 5.56 -27.73 13.11
N HIS A 130 4.38 -27.99 12.57
CA HIS A 130 3.13 -27.70 13.32
C HIS A 130 2.04 -28.71 12.99
N SER A 131 1.06 -28.84 13.88
CA SER A 131 -0.14 -29.70 13.69
C SER A 131 -1.39 -28.85 13.72
N LEU A 132 -1.35 -27.62 14.25
CA LEU A 132 -2.55 -26.76 14.32
C LEU A 132 -2.40 -25.53 13.42
N VAL A 133 -3.53 -24.93 13.03
CA VAL A 133 -3.52 -23.73 12.15
C VAL A 133 -4.61 -22.75 12.60
N VAL A 134 -4.41 -21.50 12.21
CA VAL A 134 -5.43 -20.43 12.42
C VAL A 134 -6.58 -20.70 11.48
N GLU A 135 -7.80 -20.70 12.01
CA GLU A 135 -9.02 -20.96 11.19
C GLU A 135 -9.31 -19.71 10.36
N PRO A 136 -9.41 -19.84 9.02
CA PRO A 136 -9.61 -18.68 8.13
C PRO A 136 -10.91 -17.89 8.33
N ASP A 137 -12.04 -18.58 8.49
CA ASP A 137 -13.37 -17.90 8.59
C ASP A 137 -13.52 -17.21 9.94
N SER A 138 -12.72 -17.55 10.94
CA SER A 138 -12.74 -16.95 12.30
C SER A 138 -11.73 -15.82 12.42
N LEU A 139 -10.80 -15.69 11.47
CA LEU A 139 -9.67 -14.75 11.58
C LEU A 139 -10.22 -13.34 11.77
N PRO A 140 -9.77 -12.61 12.82
CA PRO A 140 -10.29 -11.27 13.07
C PRO A 140 -10.05 -10.28 11.91
N ALA A 141 -10.98 -9.35 11.69
CA ALA A 141 -10.98 -8.44 10.52
C ALA A 141 -9.74 -7.55 10.55
N CYS A 142 -9.16 -7.32 11.73
CA CYS A 142 -7.91 -6.55 11.93
C CYS A 142 -6.71 -7.25 11.24
N PHE A 143 -6.85 -8.50 10.78
CA PHE A 143 -5.73 -9.26 10.16
C PHE A 143 -6.03 -9.52 8.69
N ASP A 144 -5.03 -9.29 7.83
CA ASP A 144 -4.95 -9.85 6.46
C ASP A 144 -4.15 -11.16 6.51
N VAL A 145 -4.55 -12.15 5.73
CA VAL A 145 -3.69 -13.33 5.45
C VAL A 145 -2.64 -12.92 4.43
N THR A 146 -1.41 -13.37 4.58
CA THR A 146 -0.27 -12.91 3.74
C THR A 146 0.36 -14.07 3.01
N ALA A 147 0.20 -15.28 3.51
CA ALA A 147 0.72 -16.50 2.86
C ALA A 147 -0.30 -17.62 2.98
N TRP A 148 -0.32 -18.52 2.02
CA TRP A 148 -1.22 -19.68 1.98
C TRP A 148 -0.43 -20.94 1.66
N SER A 149 -0.75 -22.03 2.34
CA SER A 149 -0.34 -23.39 1.93
C SER A 149 -1.03 -23.69 0.60
N GLU A 150 -0.63 -24.76 -0.07
CA GLU A 150 -1.29 -25.15 -1.33
C GLU A 150 -2.58 -25.91 -1.00
N THR A 151 -2.67 -26.49 0.20
CA THR A 151 -3.92 -27.04 0.78
C THR A 151 -4.76 -25.90 1.38
N ARG A 152 -4.41 -24.63 1.11
CA ARG A 152 -5.23 -23.45 1.52
C ARG A 152 -5.18 -23.25 3.03
N GLU A 153 -4.06 -23.50 3.70
CA GLU A 153 -3.89 -23.15 5.14
C GLU A 153 -3.31 -21.75 5.25
N ILE A 154 -3.67 -21.01 6.30
CA ILE A 154 -3.04 -19.71 6.69
C ILE A 154 -1.57 -19.97 7.01
N MET A 155 -0.64 -19.42 6.23
CA MET A 155 0.81 -19.55 6.49
C MET A 155 1.41 -18.23 6.95
N GLY A 156 0.66 -17.12 6.88
CA GLY A 156 1.11 -15.84 7.44
C GLY A 156 -0.02 -14.85 7.61
N ILE A 157 -0.02 -14.08 8.68
CA ILE A 157 -1.03 -13.01 8.91
C ILE A 157 -0.30 -11.69 9.15
N ARG A 158 -0.99 -10.57 8.99
CA ARG A 158 -0.42 -9.25 9.33
C ARG A 158 -1.55 -8.30 9.70
N HIS A 159 -1.34 -7.52 10.73
CA HIS A 159 -2.30 -6.50 11.18
C HIS A 159 -2.43 -5.44 10.09
N ARG A 160 -3.63 -4.90 9.93
CA ARG A 160 -3.90 -3.95 8.84
C ARG A 160 -3.38 -2.57 9.23
N GLN A 161 -3.18 -2.31 10.51
CA GLN A 161 -2.84 -0.94 11.01
C GLN A 161 -1.48 -0.92 11.72
N TRP A 162 -1.19 -1.93 12.52
CA TRP A 162 0.02 -1.97 13.39
C TRP A 162 1.05 -2.89 12.77
N ASP A 163 2.25 -2.84 13.31
CA ASP A 163 3.35 -3.69 12.83
C ASP A 163 3.38 -4.97 13.65
N LEU A 164 2.35 -5.81 13.58
CA LEU A 164 2.51 -7.18 14.12
C LEU A 164 2.19 -8.19 13.04
N GLU A 165 3.11 -9.11 12.83
CA GLU A 165 3.09 -10.07 11.70
C GLU A 165 3.35 -11.47 12.22
N GLY A 166 2.72 -12.48 11.63
CA GLY A 166 2.92 -13.89 12.00
C GLY A 166 3.35 -14.72 10.83
N VAL A 167 4.09 -15.79 11.08
CA VAL A 167 4.36 -16.85 10.09
C VAL A 167 4.14 -18.20 10.77
N GLN A 168 3.55 -19.14 10.06
CA GLN A 168 3.22 -20.48 10.60
C GLN A 168 4.44 -21.38 10.42
N PHE A 169 5.28 -21.10 9.43
CA PHE A 169 6.48 -21.92 9.13
C PHE A 169 7.71 -21.43 9.91
N HIS A 170 8.78 -22.20 9.95
CA HIS A 170 10.05 -21.80 10.62
C HIS A 170 10.92 -21.11 9.60
N PRO A 171 11.31 -19.82 9.78
CA PRO A 171 12.19 -19.15 8.83
C PRO A 171 13.51 -19.87 8.50
N GLU A 172 14.04 -20.65 9.44
CA GLU A 172 15.22 -21.54 9.23
C GLU A 172 16.05 -21.21 7.97
N SER A 173 16.98 -20.27 8.03
CA SER A 173 17.87 -19.94 6.88
C SER A 173 18.99 -18.94 7.24
N ILE A 174 18.90 -17.71 6.70
CA ILE A 174 19.89 -16.56 6.71
C ILE A 174 21.25 -16.87 6.07
N LEU A 175 21.47 -18.07 5.52
CA LEU A 175 22.57 -18.31 4.57
C LEU A 175 21.91 -18.66 3.24
N SER A 176 20.58 -18.57 3.20
CA SER A 176 19.78 -18.87 1.99
C SER A 176 19.51 -17.61 1.20
N GLU A 177 19.94 -16.43 1.68
CA GLU A 177 19.85 -15.15 0.93
C GLU A 177 18.38 -14.68 0.92
N GLN A 178 17.45 -15.53 0.50
CA GLN A 178 16.00 -15.22 0.57
C GLN A 178 15.46 -15.65 1.94
N GLY A 179 16.32 -16.14 2.83
CA GLY A 179 15.91 -16.44 4.21
C GLY A 179 16.39 -15.35 5.12
N HIS A 180 17.53 -14.79 4.77
CA HIS A 180 18.13 -13.63 5.46
C HIS A 180 17.23 -12.43 5.17
N GLN A 181 16.69 -12.42 3.94
CA GLN A 181 15.98 -11.20 3.46
C GLN A 181 14.63 -11.13 4.19
N LEU A 182 14.17 -12.25 4.75
CA LEU A 182 12.83 -12.35 5.38
C LEU A 182 12.89 -11.76 6.79
N LEU A 183 13.94 -12.09 7.55
CA LEU A 183 14.08 -11.59 8.93
C LEU A 183 14.60 -10.16 8.91
N ALA A 184 15.47 -9.84 7.94
CA ALA A 184 15.94 -8.46 7.72
C ALA A 184 14.72 -7.56 7.46
N ASN A 185 13.69 -8.09 6.81
CA ASN A 185 12.48 -7.29 6.50
C ASN A 185 11.83 -6.87 7.83
N PHE A 186 11.71 -7.78 8.77
CA PHE A 186 11.18 -7.44 10.12
C PHE A 186 12.13 -6.45 10.77
N LEU A 187 13.44 -6.68 10.66
CA LEU A 187 14.44 -5.95 11.46
C LEU A 187 14.55 -4.52 10.97
N HIS A 188 14.48 -4.27 9.66
CA HIS A 188 14.81 -2.95 9.07
C HIS A 188 13.56 -2.30 8.50
N ARG A 189 12.39 -2.58 9.09
CA ARG A 189 11.19 -1.72 8.91
C ARG A 189 11.45 -0.39 9.63
N GLY B 1 9.81 -11.97 -26.79
CA GLY B 1 8.57 -12.08 -27.62
C GLY B 1 7.32 -11.96 -26.78
N GLY B 2 6.44 -11.02 -27.12
CA GLY B 2 5.21 -10.73 -26.36
C GLY B 2 4.16 -11.82 -26.50
N MET B 3 4.33 -12.96 -25.81
CA MET B 3 3.28 -14.00 -25.72
C MET B 3 2.33 -13.70 -24.56
N ILE B 4 1.07 -13.42 -24.86
CA ILE B 4 0.05 -13.03 -23.85
C ILE B 4 -0.91 -14.19 -23.68
N LEU B 5 -1.06 -14.69 -22.45
CA LEU B 5 -2.12 -15.68 -22.12
C LEU B 5 -3.34 -14.92 -21.64
N LEU B 6 -4.39 -14.91 -22.44
CA LEU B 6 -5.69 -14.30 -22.07
C LEU B 6 -6.61 -15.41 -21.56
N ILE B 7 -7.10 -15.26 -20.35
CA ILE B 7 -8.00 -16.26 -19.70
C ILE B 7 -9.45 -15.82 -19.88
N ASP B 8 -10.18 -16.53 -20.73
CA ASP B 8 -11.60 -16.26 -21.04
C ASP B 8 -12.45 -16.68 -19.85
N ASN B 9 -13.13 -15.73 -19.24
CA ASN B 9 -14.14 -16.00 -18.20
C ASN B 9 -15.53 -15.89 -18.83
N TYR B 10 -15.63 -16.27 -20.11
CA TYR B 10 -16.90 -16.44 -20.85
C TYR B 10 -17.61 -15.10 -21.01
N ASP B 11 -16.92 -14.16 -21.64
CA ASP B 11 -17.49 -12.84 -21.97
C ASP B 11 -17.27 -12.56 -23.45
N SER B 12 -18.11 -11.73 -24.05
CA SER B 12 -17.94 -11.30 -25.46
C SER B 12 -16.71 -10.41 -25.52
N PHE B 13 -16.43 -9.72 -24.43
CA PHE B 13 -15.44 -8.61 -24.37
C PHE B 13 -14.01 -9.18 -24.29
N THR B 14 -13.87 -10.50 -24.10
CA THR B 14 -12.59 -11.22 -24.15
C THR B 14 -12.00 -11.05 -25.55
N TRP B 15 -12.85 -11.04 -26.57
CA TRP B 15 -12.41 -11.04 -27.99
C TRP B 15 -12.04 -9.64 -28.41
N ASN B 16 -12.67 -8.62 -27.82
CA ASN B 16 -12.26 -7.20 -28.00
C ASN B 16 -10.82 -7.10 -27.51
N LEU B 17 -10.54 -7.54 -26.29
CA LEU B 17 -9.17 -7.54 -25.72
C LEU B 17 -8.23 -8.28 -26.68
N TYR B 18 -8.68 -9.41 -27.24
CA TYR B 18 -7.82 -10.24 -28.13
C TYR B 18 -7.43 -9.34 -29.32
N GLN B 19 -8.42 -8.75 -29.98
CA GLN B 19 -8.19 -7.87 -31.15
C GLN B 19 -7.27 -6.75 -30.72
N TYR B 20 -7.58 -6.05 -29.63
CA TYR B 20 -6.80 -4.87 -29.18
C TYR B 20 -5.34 -5.25 -28.99
N PHE B 21 -5.06 -6.37 -28.33
CA PHE B 21 -3.67 -6.77 -28.03
C PHE B 21 -2.96 -7.18 -29.30
N CYS B 22 -3.66 -7.85 -30.23
CA CYS B 22 -3.06 -8.30 -31.50
C CYS B 22 -2.78 -7.09 -32.38
N GLU B 23 -3.66 -6.08 -32.35
CA GLU B 23 -3.46 -4.84 -33.15
C GLU B 23 -2.26 -4.06 -32.59
N LEU B 24 -1.92 -4.36 -31.35
CA LEU B 24 -0.75 -3.83 -30.63
C LEU B 24 0.50 -4.65 -30.86
N GLY B 25 0.41 -5.67 -31.71
CA GLY B 25 1.57 -6.47 -32.14
C GLY B 25 1.87 -7.63 -31.23
N ALA B 26 1.00 -7.95 -30.26
CA ALA B 26 1.22 -9.08 -29.32
C ALA B 26 0.73 -10.41 -29.90
N ASP B 27 1.46 -11.48 -29.58
CA ASP B 27 1.06 -12.89 -29.82
C ASP B 27 0.15 -13.31 -28.67
N VAL B 28 -1.15 -13.36 -28.92
CA VAL B 28 -2.15 -13.64 -27.85
C VAL B 28 -2.67 -15.07 -27.98
N LEU B 29 -2.86 -15.71 -26.84
CA LEU B 29 -3.45 -17.06 -26.73
C LEU B 29 -4.62 -17.00 -25.76
N VAL B 30 -5.76 -17.51 -26.19
CA VAL B 30 -7.04 -17.38 -25.44
C VAL B 30 -7.43 -18.75 -24.94
N LYS B 31 -7.41 -18.93 -23.63
CA LYS B 31 -7.79 -20.18 -22.96
C LYS B 31 -8.97 -19.94 -22.04
N ARG B 32 -9.90 -20.88 -22.00
CA ARG B 32 -11.10 -20.81 -21.14
C ARG B 32 -10.68 -21.14 -19.70
N ASN B 33 -11.37 -20.54 -18.73
CA ASN B 33 -10.94 -20.64 -17.31
C ASN B 33 -11.06 -22.08 -16.80
N ASP B 34 -11.83 -22.94 -17.45
CA ASP B 34 -12.04 -24.33 -16.95
C ASP B 34 -11.28 -25.34 -17.84
N ALA B 35 -10.56 -24.87 -18.86
CA ALA B 35 -9.87 -25.74 -19.84
C ALA B 35 -8.36 -25.62 -19.63
N LEU B 36 -7.94 -25.39 -18.39
CA LEU B 36 -6.51 -25.18 -18.07
C LEU B 36 -6.23 -25.69 -16.66
N THR B 37 -5.01 -26.19 -16.46
CA THR B 37 -4.38 -26.42 -15.14
C THR B 37 -3.17 -25.51 -15.03
N LEU B 38 -2.63 -25.36 -13.82
CA LEU B 38 -1.41 -24.55 -13.56
C LEU B 38 -0.25 -25.21 -14.30
N ALA B 39 -0.22 -26.55 -14.32
CA ALA B 39 0.80 -27.34 -15.05
C ALA B 39 0.82 -26.91 -16.51
N ASP B 40 -0.37 -26.68 -17.09
CA ASP B 40 -0.52 -26.26 -18.51
C ASP B 40 0.28 -24.99 -18.75
N ILE B 41 0.15 -24.01 -17.87
CA ILE B 41 0.65 -22.63 -18.13
C ILE B 41 2.18 -22.63 -18.13
N ASP B 42 2.82 -23.53 -17.39
CA ASP B 42 4.30 -23.66 -17.42
C ASP B 42 4.74 -24.10 -18.81
N ALA B 43 4.00 -25.01 -19.44
CA ALA B 43 4.32 -25.50 -20.80
C ALA B 43 4.20 -24.34 -21.79
N LEU B 44 3.20 -23.46 -21.61
CA LEU B 44 2.89 -22.40 -22.60
C LEU B 44 3.94 -21.30 -22.52
N LYS B 45 4.50 -21.07 -21.33
CA LYS B 45 5.53 -20.05 -21.02
C LYS B 45 5.07 -18.68 -21.50
N PRO B 46 3.96 -18.13 -20.96
CA PRO B 46 3.51 -16.80 -21.35
C PRO B 46 4.39 -15.69 -20.75
N GLN B 47 4.35 -14.52 -21.32
CA GLN B 47 5.15 -13.37 -20.83
C GLN B 47 4.29 -12.46 -19.99
N LYS B 48 2.99 -12.41 -20.28
CA LYS B 48 1.99 -11.68 -19.46
C LYS B 48 0.70 -12.48 -19.41
N ILE B 49 -0.10 -12.24 -18.37
CA ILE B 49 -1.41 -12.93 -18.22
C ILE B 49 -2.48 -11.85 -18.10
N VAL B 50 -3.61 -12.08 -18.73
CA VAL B 50 -4.78 -11.17 -18.60
C VAL B 50 -5.99 -12.01 -18.19
N ILE B 51 -6.71 -11.56 -17.18
CA ILE B 51 -7.96 -12.19 -16.72
C ILE B 51 -9.11 -11.35 -17.25
N SER B 52 -9.98 -11.98 -18.04
CA SER B 52 -11.09 -11.32 -18.77
C SER B 52 -12.26 -11.05 -17.84
N PRO B 53 -13.17 -10.15 -18.25
CA PRO B 53 -14.47 -10.04 -17.60
C PRO B 53 -15.31 -11.32 -17.69
N GLY B 54 -16.42 -11.36 -16.98
CA GLY B 54 -17.37 -12.47 -17.09
C GLY B 54 -18.63 -12.24 -16.26
N PRO B 55 -19.73 -12.93 -16.62
CA PRO B 55 -20.97 -12.81 -15.86
C PRO B 55 -20.87 -13.46 -14.47
N CYS B 56 -19.95 -14.40 -14.29
CA CYS B 56 -19.77 -15.14 -12.99
C CYS B 56 -19.09 -14.24 -11.94
N THR B 57 -18.88 -14.81 -10.75
CA THR B 57 -18.12 -14.22 -9.64
C THR B 57 -16.75 -14.91 -9.59
N PRO B 58 -15.73 -14.31 -8.94
CA PRO B 58 -14.42 -14.96 -8.85
C PRO B 58 -14.42 -16.41 -8.36
N ASP B 59 -15.35 -16.76 -7.47
CA ASP B 59 -15.47 -18.16 -6.96
C ASP B 59 -15.75 -19.13 -8.12
N GLU B 60 -16.55 -18.72 -9.11
CA GLU B 60 -16.94 -19.63 -10.22
C GLU B 60 -16.12 -19.30 -11.46
N ALA B 61 -15.00 -18.61 -11.31
CA ALA B 61 -14.16 -18.18 -12.46
C ALA B 61 -13.07 -19.21 -12.75
N GLY B 62 -13.31 -20.49 -12.44
CA GLY B 62 -12.36 -21.58 -12.68
C GLY B 62 -11.00 -21.30 -12.06
N ILE B 63 -9.96 -21.28 -12.90
CA ILE B 63 -8.54 -21.31 -12.46
C ILE B 63 -8.03 -19.90 -12.13
N SER B 64 -8.76 -18.87 -12.53
CA SER B 64 -8.32 -17.46 -12.39
C SER B 64 -7.75 -17.18 -10.98
N LEU B 65 -8.46 -17.58 -9.92
CA LEU B 65 -7.98 -17.36 -8.54
C LEU B 65 -6.66 -18.10 -8.35
N ASP B 66 -6.58 -19.35 -8.79
CA ASP B 66 -5.34 -20.18 -8.69
C ASP B 66 -4.20 -19.47 -9.42
N VAL B 67 -4.48 -18.88 -10.57
CA VAL B 67 -3.43 -18.34 -11.47
C VAL B 67 -2.86 -17.07 -10.85
N ILE B 68 -3.72 -16.17 -10.38
CA ILE B 68 -3.25 -14.92 -9.73
C ILE B 68 -2.32 -15.28 -8.58
N ARG B 69 -2.69 -16.25 -7.76
CA ARG B 69 -1.95 -16.57 -6.52
C ARG B 69 -0.60 -17.19 -6.87
N HIS B 70 -0.51 -17.98 -7.94
CA HIS B 70 0.71 -18.75 -8.26
C HIS B 70 1.67 -17.93 -9.11
N TYR B 71 1.16 -17.04 -9.96
CA TYR B 71 2.02 -16.32 -10.93
C TYR B 71 2.25 -14.89 -10.48
N ALA B 72 1.63 -14.45 -9.40
CA ALA B 72 1.88 -13.10 -8.82
C ALA B 72 3.37 -12.94 -8.56
N GLY B 73 3.98 -11.91 -9.14
CA GLY B 73 5.41 -11.59 -8.97
C GLY B 73 6.32 -12.43 -9.84
N ARG B 74 5.79 -13.27 -10.73
CA ARG B 74 6.60 -14.01 -11.72
C ARG B 74 6.34 -13.46 -13.12
N LEU B 75 5.09 -13.11 -13.43
CA LEU B 75 4.71 -12.46 -14.70
C LEU B 75 3.81 -11.28 -14.40
N PRO B 76 3.78 -10.25 -15.27
CA PRO B 76 2.74 -9.23 -15.21
C PRO B 76 1.34 -9.86 -15.40
N ILE B 77 0.40 -9.38 -14.60
CA ILE B 77 -1.02 -9.81 -14.67
C ILE B 77 -1.90 -8.57 -14.71
N LEU B 78 -2.82 -8.54 -15.66
CA LEU B 78 -3.80 -7.46 -15.82
C LEU B 78 -5.20 -8.06 -15.65
N GLY B 79 -5.93 -7.58 -14.65
CA GLY B 79 -7.32 -7.98 -14.42
C GLY B 79 -8.29 -6.96 -14.98
N VAL B 80 -9.26 -7.40 -15.78
CA VAL B 80 -10.33 -6.51 -16.31
C VAL B 80 -11.66 -6.92 -15.68
N CYS B 81 -12.35 -5.98 -15.06
CA CYS B 81 -13.67 -6.18 -14.41
C CYS B 81 -13.55 -7.40 -13.49
N LEU B 82 -14.22 -8.50 -13.80
CA LEU B 82 -14.10 -9.76 -13.02
C LEU B 82 -12.66 -10.00 -12.62
N GLY B 83 -11.72 -9.91 -13.57
CA GLY B 83 -10.31 -10.18 -13.25
C GLY B 83 -9.79 -9.23 -12.20
N HIS B 84 -10.28 -8.00 -12.22
CA HIS B 84 -9.95 -6.98 -11.21
C HIS B 84 -10.48 -7.44 -9.85
N GLN B 85 -11.72 -7.91 -9.79
CA GLN B 85 -12.33 -8.41 -8.53
C GLN B 85 -11.63 -9.69 -8.10
N ALA B 86 -11.30 -10.57 -9.05
CA ALA B 86 -10.58 -11.83 -8.77
C ALA B 86 -9.25 -11.49 -8.12
N MET B 87 -8.63 -10.38 -8.55
CA MET B 87 -7.28 -10.00 -8.04
C MET B 87 -7.40 -9.55 -6.58
N ALA B 88 -8.43 -8.77 -6.25
CA ALA B 88 -8.67 -8.35 -4.85
C ALA B 88 -8.94 -9.58 -3.99
N GLN B 89 -9.91 -10.39 -4.40
CA GLN B 89 -10.39 -11.57 -3.64
C GLN B 89 -9.23 -12.52 -3.38
N ALA B 90 -8.39 -12.76 -4.39
CA ALA B 90 -7.22 -13.66 -4.30
C ALA B 90 -6.39 -13.33 -3.06
N PHE B 91 -6.27 -12.07 -2.68
CA PHE B 91 -5.45 -11.66 -1.52
C PHE B 91 -6.35 -11.24 -0.34
N GLY B 92 -7.56 -11.78 -0.26
CA GLY B 92 -8.46 -11.55 0.89
C GLY B 92 -9.38 -10.36 0.69
N GLY B 93 -9.52 -9.87 -0.54
CA GLY B 93 -10.46 -8.77 -0.85
C GLY B 93 -11.90 -9.22 -0.79
N LYS B 94 -12.81 -8.27 -0.66
CA LYS B 94 -14.28 -8.52 -0.65
C LYS B 94 -14.90 -7.56 -1.66
N VAL B 95 -15.58 -8.09 -2.67
CA VAL B 95 -16.30 -7.24 -3.65
C VAL B 95 -17.79 -7.32 -3.34
N VAL B 96 -18.42 -6.17 -3.16
CA VAL B 96 -19.82 -6.02 -2.69
C VAL B 96 -20.60 -5.12 -3.64
N ARG B 97 -21.92 -5.02 -3.42
CA ARG B 97 -22.86 -4.28 -4.30
C ARG B 97 -22.44 -2.81 -4.44
N ALA B 98 -22.69 -2.26 -5.63
CA ALA B 98 -22.29 -0.88 -6.01
C ALA B 98 -23.39 0.12 -5.61
N ALA B 99 -23.08 1.41 -5.71
CA ALA B 99 -23.98 2.56 -5.44
C ALA B 99 -25.19 2.47 -6.39
N LYS B 100 -24.93 2.35 -7.69
CA LYS B 100 -25.98 2.15 -8.72
C LYS B 100 -25.38 1.35 -9.86
N VAL B 101 -26.01 0.24 -10.23
CA VAL B 101 -25.45 -0.75 -11.17
C VAL B 101 -25.51 -0.17 -12.57
N MET B 102 -24.41 -0.24 -13.31
CA MET B 102 -24.31 0.36 -14.65
C MET B 102 -24.01 -0.74 -15.67
N HIS B 103 -24.91 -0.91 -16.63
CA HIS B 103 -24.81 -1.97 -17.66
C HIS B 103 -24.53 -1.32 -19.02
N GLY B 104 -23.52 -0.46 -19.10
CA GLY B 104 -23.02 0.08 -20.37
C GLY B 104 -22.78 1.57 -20.40
N LYS B 105 -23.03 2.29 -19.31
CA LYS B 105 -22.85 3.75 -19.30
C LYS B 105 -21.37 4.11 -19.04
N THR B 106 -21.00 5.32 -19.42
CA THR B 106 -19.63 5.86 -19.33
C THR B 106 -19.61 6.90 -18.21
N SER B 107 -18.53 6.91 -17.44
CA SER B 107 -18.38 7.79 -16.26
C SER B 107 -17.00 8.43 -16.26
N PRO B 108 -16.85 9.59 -15.57
CA PRO B 108 -15.53 10.13 -15.27
C PRO B 108 -14.93 9.53 -13.99
N ILE B 109 -13.77 8.90 -14.14
CA ILE B 109 -12.95 8.44 -12.99
C ILE B 109 -11.73 9.35 -12.88
N THR B 110 -11.24 9.52 -11.66
CA THR B 110 -9.93 10.13 -11.40
C THR B 110 -8.92 9.00 -11.14
N HIS B 111 -7.68 9.18 -11.60
CA HIS B 111 -6.60 8.20 -11.39
C HIS B 111 -5.31 8.87 -10.90
N ASN B 112 -4.32 8.05 -10.57
CA ASN B 112 -3.02 8.48 -10.00
C ASN B 112 -2.01 8.73 -11.13
N GLY B 113 -2.40 8.49 -12.37
CA GLY B 113 -1.48 8.71 -13.51
C GLY B 113 -0.26 7.81 -13.46
N GLU B 114 -0.36 6.67 -12.79
CA GLU B 114 0.70 5.64 -12.81
C GLU B 114 0.13 4.34 -13.37
N GLY B 115 1.01 3.37 -13.59
CA GLY B 115 0.64 2.04 -14.11
C GLY B 115 -0.01 2.14 -15.45
N VAL B 116 -1.24 1.66 -15.62
CA VAL B 116 -1.89 1.70 -16.96
C VAL B 116 -2.39 3.11 -17.24
N PHE B 117 -2.35 4.01 -16.26
CA PHE B 117 -2.84 5.39 -16.42
C PHE B 117 -1.71 6.37 -16.77
N ARG B 118 -0.46 5.90 -16.87
CA ARG B 118 0.69 6.79 -17.17
C ARG B 118 0.45 7.49 -18.52
N GLY B 119 0.50 8.80 -18.52
CA GLY B 119 0.33 9.62 -19.73
C GLY B 119 -1.13 9.74 -20.13
N LEU B 120 -2.06 9.44 -19.22
CA LEU B 120 -3.49 9.60 -19.53
C LEU B 120 -4.03 10.85 -18.85
N ALA B 121 -4.97 11.52 -19.52
CA ALA B 121 -5.68 12.70 -19.01
C ALA B 121 -6.42 12.28 -17.74
N ASN B 122 -6.45 13.19 -16.78
CA ASN B 122 -7.26 13.04 -15.54
C ASN B 122 -8.12 14.29 -15.40
N PRO B 123 -9.44 14.20 -15.13
CA PRO B 123 -10.18 12.93 -15.12
C PRO B 123 -10.32 12.23 -16.48
N LEU B 124 -10.80 10.99 -16.45
CA LEU B 124 -10.83 10.08 -17.60
C LEU B 124 -12.23 9.47 -17.70
N THR B 125 -12.83 9.54 -18.89
CA THR B 125 -14.16 8.95 -19.16
C THR B 125 -13.98 7.50 -19.59
N VAL B 126 -14.67 6.60 -18.90
CA VAL B 126 -14.57 5.13 -19.10
C VAL B 126 -15.98 4.55 -19.21
N THR B 127 -16.09 3.32 -19.66
CA THR B 127 -17.35 2.56 -19.77
C THR B 127 -17.46 1.49 -18.68
N ARG B 128 -18.61 1.40 -18.00
CA ARG B 128 -18.77 0.46 -16.84
C ARG B 128 -19.79 -0.60 -17.22
N TYR B 129 -19.51 -1.86 -16.92
CA TYR B 129 -20.42 -3.02 -17.12
C TYR B 129 -20.38 -3.89 -15.87
N HIS B 130 -20.72 -3.36 -14.71
CA HIS B 130 -20.54 -4.10 -13.43
C HIS B 130 -21.62 -3.71 -12.43
N SER B 131 -21.90 -4.63 -11.51
CA SER B 131 -22.87 -4.45 -10.41
C SER B 131 -22.13 -4.40 -9.07
N LEU B 132 -20.95 -5.01 -8.98
CA LEU B 132 -20.22 -5.11 -7.69
C LEU B 132 -18.90 -4.35 -7.79
N VAL B 133 -18.40 -3.95 -6.64
CA VAL B 133 -17.12 -3.21 -6.53
C VAL B 133 -16.32 -3.75 -5.35
N VAL B 134 -15.01 -3.71 -5.47
CA VAL B 134 -14.09 -4.10 -4.38
C VAL B 134 -14.30 -3.15 -3.20
N GLU B 135 -14.47 -3.72 -2.01
CA GLU B 135 -14.85 -2.95 -0.80
C GLU B 135 -13.61 -2.22 -0.32
N PRO B 136 -13.67 -0.88 -0.16
CA PRO B 136 -12.49 -0.07 0.22
C PRO B 136 -11.87 -0.40 1.59
N ASP B 137 -12.70 -0.58 2.63
CA ASP B 137 -12.21 -0.77 4.01
C ASP B 137 -11.48 -2.11 4.15
N SER B 138 -11.71 -3.11 3.30
CA SER B 138 -11.05 -4.43 3.50
C SER B 138 -10.15 -4.77 2.31
N LEU B 139 -9.89 -3.81 1.42
CA LEU B 139 -8.85 -4.03 0.38
C LEU B 139 -7.52 -4.31 1.07
N PRO B 140 -6.81 -5.39 0.67
CA PRO B 140 -5.55 -5.75 1.35
C PRO B 140 -4.48 -4.65 1.28
N ALA B 141 -3.66 -4.56 2.33
CA ALA B 141 -2.55 -3.57 2.47
C ALA B 141 -1.57 -3.70 1.31
N CYS B 142 -1.46 -4.87 0.69
CA CYS B 142 -0.55 -5.07 -0.48
C CYS B 142 -1.05 -4.31 -1.72
N PHE B 143 -2.24 -3.70 -1.69
CA PHE B 143 -2.81 -3.00 -2.88
C PHE B 143 -2.95 -1.49 -2.64
N ASP B 144 -2.55 -0.69 -3.62
CA ASP B 144 -2.90 0.74 -3.73
C ASP B 144 -4.11 0.85 -4.65
N VAL B 145 -5.03 1.76 -4.34
CA VAL B 145 -6.10 2.12 -5.29
C VAL B 145 -5.52 3.13 -6.27
N THR B 146 -5.87 3.02 -7.54
CA THR B 146 -5.23 3.80 -8.62
C THR B 146 -6.27 4.63 -9.35
N ALA B 147 -7.53 4.24 -9.31
CA ALA B 147 -8.63 5.00 -9.94
C ALA B 147 -9.85 4.99 -9.03
N TRP B 148 -10.65 6.04 -9.08
CA TRP B 148 -11.80 6.26 -8.20
C TRP B 148 -12.97 6.76 -9.00
N SER B 149 -14.17 6.31 -8.69
CA SER B 149 -15.42 6.86 -9.26
C SER B 149 -15.78 8.14 -8.49
N GLU B 150 -16.76 8.90 -8.97
CA GLU B 150 -17.32 10.09 -8.28
C GLU B 150 -17.96 9.64 -6.98
N THR B 151 -18.68 8.52 -7.04
CA THR B 151 -19.35 7.89 -5.87
C THR B 151 -18.29 7.16 -5.02
N ARG B 152 -17.01 7.37 -5.32
CA ARG B 152 -15.85 6.94 -4.51
C ARG B 152 -15.73 5.41 -4.53
N GLU B 153 -16.00 4.78 -5.67
CA GLU B 153 -15.87 3.30 -5.79
C GLU B 153 -14.47 3.04 -6.32
N ILE B 154 -13.89 1.93 -5.92
CA ILE B 154 -12.55 1.50 -6.43
C ILE B 154 -12.68 1.15 -7.92
N MET B 155 -12.00 1.91 -8.78
CA MET B 155 -12.03 1.68 -10.25
C MET B 155 -10.70 1.11 -10.74
N GLY B 156 -9.66 1.06 -9.91
CA GLY B 156 -8.39 0.42 -10.27
C GLY B 156 -7.53 0.16 -9.05
N ILE B 157 -6.88 -1.01 -9.01
CA ILE B 157 -5.94 -1.37 -7.92
C ILE B 157 -4.59 -1.73 -8.53
N ARG B 158 -3.53 -1.68 -7.76
CA ARG B 158 -2.21 -2.13 -8.23
C ARG B 158 -1.40 -2.59 -7.03
N HIS B 159 -0.66 -3.66 -7.19
CA HIS B 159 0.20 -4.19 -6.11
C HIS B 159 1.31 -3.19 -5.84
N ARG B 160 1.75 -3.11 -4.61
CA ARG B 160 2.74 -2.09 -4.21
C ARG B 160 4.14 -2.53 -4.65
N GLN B 161 4.37 -3.84 -4.82
CA GLN B 161 5.71 -4.38 -5.16
C GLN B 161 5.70 -5.08 -6.52
N TRP B 162 4.71 -5.91 -6.79
CA TRP B 162 4.69 -6.77 -8.00
C TRP B 162 3.90 -6.10 -9.13
N ASP B 163 4.09 -6.59 -10.34
CA ASP B 163 3.38 -6.06 -11.51
C ASP B 163 2.07 -6.83 -11.68
N LEU B 164 1.09 -6.58 -10.80
CA LEU B 164 -0.28 -7.05 -11.06
C LEU B 164 -1.25 -5.92 -10.74
N GLU B 165 -2.12 -5.63 -11.71
CA GLU B 165 -2.94 -4.41 -11.79
C GLU B 165 -4.35 -4.83 -12.18
N GLY B 166 -5.34 -4.13 -11.65
CA GLY B 166 -6.75 -4.35 -11.99
C GLY B 166 -7.39 -3.07 -12.48
N VAL B 167 -8.40 -3.18 -13.33
CA VAL B 167 -9.33 -2.07 -13.64
C VAL B 167 -10.76 -2.62 -13.61
N GLN B 168 -11.68 -1.84 -13.04
CA GLN B 168 -13.09 -2.27 -12.88
C GLN B 168 -13.83 -1.97 -14.20
N PHE B 169 -13.34 -1.03 -14.98
CA PHE B 169 -14.02 -0.59 -16.22
C PHE B 169 -13.60 -1.48 -17.38
N HIS B 170 -14.51 -1.65 -18.35
CA HIS B 170 -14.14 -2.37 -19.60
C HIS B 170 -13.26 -1.39 -20.34
N PRO B 171 -11.97 -1.70 -20.57
CA PRO B 171 -11.06 -0.74 -21.17
C PRO B 171 -11.78 -0.42 -22.47
N GLU B 172 -12.18 -1.44 -23.24
CA GLU B 172 -12.73 -1.19 -24.60
C GLU B 172 -11.77 -0.14 -25.11
N SER B 173 -12.22 1.12 -25.19
CA SER B 173 -11.37 2.23 -25.66
C SER B 173 -10.47 1.65 -26.75
N ILE B 174 -11.08 1.28 -27.86
CA ILE B 174 -10.42 0.69 -29.06
C ILE B 174 -9.02 1.31 -29.24
N LEU B 175 -8.08 0.54 -29.75
CA LEU B 175 -6.76 1.04 -30.18
C LEU B 175 -6.86 2.36 -30.95
N SER B 176 -8.04 2.68 -31.52
CA SER B 176 -8.27 3.89 -32.33
C SER B 176 -8.15 5.17 -31.48
N GLU B 177 -8.39 5.09 -30.18
CA GLU B 177 -8.43 6.29 -29.32
C GLU B 177 -7.12 6.42 -28.53
N GLN B 178 -7.18 7.08 -27.38
CA GLN B 178 -6.04 7.18 -26.42
C GLN B 178 -6.18 6.03 -25.42
N GLY B 179 -7.16 5.15 -25.63
CA GLY B 179 -7.27 3.92 -24.83
C GLY B 179 -6.28 2.89 -25.33
N HIS B 180 -5.60 3.20 -26.44
CA HIS B 180 -4.50 2.36 -26.94
C HIS B 180 -3.34 2.45 -25.94
N GLN B 181 -3.11 3.65 -25.43
CA GLN B 181 -2.00 3.92 -24.49
C GLN B 181 -2.29 3.21 -23.17
N LEU B 182 -3.54 2.88 -22.88
CA LEU B 182 -3.83 2.21 -21.57
C LEU B 182 -3.36 0.75 -21.66
N LEU B 183 -3.68 0.06 -22.74
CA LEU B 183 -3.32 -1.37 -22.92
C LEU B 183 -1.83 -1.45 -23.31
N ALA B 184 -1.35 -0.51 -24.13
CA ALA B 184 0.08 -0.39 -24.48
C ALA B 184 0.87 -0.25 -23.18
N ASN B 185 0.33 0.43 -22.18
CA ASN B 185 1.06 0.64 -20.91
C ASN B 185 1.30 -0.73 -20.27
N PHE B 186 0.28 -1.59 -20.24
CA PHE B 186 0.47 -2.96 -19.74
C PHE B 186 1.50 -3.68 -20.60
N LEU B 187 1.38 -3.52 -21.92
CA LEU B 187 2.14 -4.35 -22.88
C LEU B 187 3.63 -3.98 -22.87
N HIS B 188 3.96 -2.70 -22.72
CA HIS B 188 5.35 -2.20 -22.94
C HIS B 188 5.94 -1.73 -21.62
N ARG B 189 5.53 -2.34 -20.50
CA ARG B 189 6.31 -2.28 -19.24
C ARG B 189 7.60 -3.10 -19.44
N GLY C 1 -2.60 34.64 -16.57
CA GLY C 1 -1.29 33.98 -16.77
C GLY C 1 -0.85 33.20 -15.53
N GLY C 2 -0.39 33.91 -14.49
CA GLY C 2 0.12 33.29 -13.25
C GLY C 2 -0.86 33.43 -12.09
N MET C 3 -2.13 33.05 -12.27
CA MET C 3 -3.14 33.08 -11.18
C MET C 3 -2.93 31.89 -10.22
N ILE C 4 -2.69 32.16 -8.95
CA ILE C 4 -2.48 31.12 -7.92
C ILE C 4 -3.74 31.06 -7.07
N LEU C 5 -4.46 29.96 -7.13
CA LEU C 5 -5.63 29.71 -6.27
C LEU C 5 -5.14 29.12 -4.95
N LEU C 6 -5.27 29.87 -3.88
CA LEU C 6 -4.98 29.38 -2.52
C LEU C 6 -6.29 28.89 -1.89
N ILE C 7 -6.34 27.66 -1.43
CA ILE C 7 -7.52 27.08 -0.73
C ILE C 7 -7.29 27.20 0.78
N ASP C 8 -7.98 28.15 1.42
CA ASP C 8 -7.87 28.40 2.88
C ASP C 8 -8.56 27.25 3.61
N ASN C 9 -7.83 26.56 4.47
CA ASN C 9 -8.43 25.50 5.31
C ASN C 9 -8.60 26.05 6.73
N TYR C 10 -8.92 27.34 6.83
CA TYR C 10 -9.37 28.03 8.06
C TYR C 10 -8.26 28.04 9.12
N ASP C 11 -7.11 28.62 8.81
CA ASP C 11 -6.05 28.74 9.84
C ASP C 11 -5.25 30.00 9.65
N SER C 12 -4.03 30.00 10.21
CA SER C 12 -2.96 30.99 9.96
C SER C 12 -3.39 32.40 10.36
N PHE C 13 -3.36 33.36 9.43
CA PHE C 13 -3.57 34.81 9.66
C PHE C 13 -2.33 35.42 10.33
N THR C 14 -1.44 34.58 10.87
CA THR C 14 -0.17 35.00 11.49
C THR C 14 0.97 34.76 10.50
N TRP C 15 0.77 33.89 9.52
CA TRP C 15 1.76 33.62 8.46
C TRP C 15 1.06 33.15 7.19
N ASN C 16 -0.23 33.44 7.04
CA ASN C 16 -1.05 32.91 5.92
C ASN C 16 -0.26 33.04 4.61
N LEU C 17 -0.11 31.95 3.88
CA LEU C 17 0.66 31.91 2.62
C LEU C 17 0.28 33.04 1.67
N TYR C 18 -0.85 33.73 1.87
CA TYR C 18 -1.17 34.94 1.07
C TYR C 18 0.03 35.87 1.16
N GLN C 19 0.51 36.10 2.37
CA GLN C 19 1.65 37.02 2.62
C GLN C 19 2.85 36.52 1.83
N TYR C 20 3.22 35.27 2.03
CA TYR C 20 4.39 34.64 1.36
C TYR C 20 4.32 34.85 -0.16
N PHE C 21 3.18 34.53 -0.75
CA PHE C 21 3.01 34.55 -2.22
C PHE C 21 2.88 35.98 -2.71
N CYS C 22 2.29 36.86 -1.91
CA CYS C 22 2.17 38.30 -2.25
C CYS C 22 3.55 38.93 -2.27
N GLU C 23 4.42 38.53 -1.35
CA GLU C 23 5.81 39.07 -1.29
C GLU C 23 6.59 38.57 -2.52
N LEU C 24 6.16 37.46 -3.13
CA LEU C 24 6.89 36.88 -4.29
C LEU C 24 6.33 37.43 -5.60
N GLY C 25 5.38 38.35 -5.53
CA GLY C 25 4.83 39.04 -6.71
C GLY C 25 3.85 38.19 -7.49
N ALA C 26 3.21 37.24 -6.82
CA ALA C 26 2.25 36.31 -7.45
C ALA C 26 0.86 36.93 -7.42
N ASP C 27 0.07 36.62 -8.43
CA ASP C 27 -1.39 36.92 -8.46
C ASP C 27 -2.12 35.83 -7.67
N VAL C 28 -2.45 36.10 -6.41
CA VAL C 28 -3.01 35.08 -5.51
C VAL C 28 -4.48 35.36 -5.27
N LEU C 29 -5.26 34.30 -5.22
CA LEU C 29 -6.70 34.37 -4.92
C LEU C 29 -6.99 33.39 -3.80
N VAL C 30 -7.64 33.86 -2.74
CA VAL C 30 -7.87 33.07 -1.50
C VAL C 30 -9.33 32.72 -1.39
N LYS C 31 -9.63 31.44 -1.47
CA LYS C 31 -11.00 30.91 -1.40
C LYS C 31 -11.03 29.88 -0.28
N ARG C 32 -12.08 29.92 0.54
CA ARG C 32 -12.21 29.01 1.70
C ARG C 32 -12.67 27.65 1.19
N ASN C 33 -12.30 26.59 1.90
CA ASN C 33 -12.53 25.20 1.43
C ASN C 33 -14.03 24.90 1.35
N ASP C 34 -14.88 25.69 2.01
CA ASP C 34 -16.34 25.44 2.03
C ASP C 34 -17.07 26.46 1.17
N ALA C 35 -16.37 27.37 0.50
CA ALA C 35 -16.97 28.46 -0.31
C ALA C 35 -16.65 28.20 -1.79
N LEU C 36 -16.57 26.93 -2.18
CA LEU C 36 -16.17 26.56 -3.56
C LEU C 36 -16.91 25.31 -4.01
N THR C 37 -17.17 25.24 -5.32
CA THR C 37 -17.50 23.99 -6.05
C THR C 37 -16.40 23.79 -7.08
N LEU C 38 -16.30 22.60 -7.66
CA LEU C 38 -15.28 22.31 -8.71
C LEU C 38 -15.66 23.11 -9.96
N ALA C 39 -16.97 23.29 -10.21
CA ALA C 39 -17.50 24.13 -11.31
C ALA C 39 -16.92 25.55 -11.17
N ASP C 40 -16.83 26.07 -9.94
CA ASP C 40 -16.26 27.41 -9.65
C ASP C 40 -14.86 27.52 -10.25
N ILE C 41 -14.03 26.51 -10.03
CA ILE C 41 -12.57 26.64 -10.30
C ILE C 41 -12.33 26.71 -11.81
N ASP C 42 -13.20 26.13 -12.63
CA ASP C 42 -13.06 26.27 -14.10
C ASP C 42 -13.28 27.72 -14.52
N ALA C 43 -14.23 28.43 -13.88
CA ALA C 43 -14.50 29.85 -14.17
C ALA C 43 -13.28 30.68 -13.83
N LEU C 44 -12.59 30.36 -12.74
CA LEU C 44 -11.48 31.22 -12.21
C LEU C 44 -10.24 31.03 -13.06
N LYS C 45 -10.07 29.83 -13.64
CA LYS C 45 -8.94 29.44 -14.53
C LYS C 45 -7.61 29.69 -13.83
N PRO C 46 -7.34 29.01 -12.69
CA PRO C 46 -6.04 29.16 -12.03
C PRO C 46 -4.92 28.42 -12.78
N GLN C 47 -3.69 28.91 -12.62
CA GLN C 47 -2.48 28.32 -13.26
C GLN C 47 -1.85 27.32 -12.30
N LYS C 48 -1.94 27.58 -10.98
CA LYS C 48 -1.47 26.66 -9.93
C LYS C 48 -2.42 26.70 -8.75
N ILE C 49 -2.42 25.65 -7.94
CA ILE C 49 -3.30 25.56 -6.73
C ILE C 49 -2.41 25.27 -5.52
N VAL C 50 -2.76 25.88 -4.40
CA VAL C 50 -2.08 25.60 -3.11
C VAL C 50 -3.16 25.23 -2.09
N ILE C 51 -2.92 24.14 -1.36
CA ILE C 51 -3.78 23.73 -0.22
C ILE C 51 -3.07 24.14 1.05
N SER C 52 -3.74 24.97 1.85
CA SER C 52 -3.19 25.62 3.07
C SER C 52 -3.25 24.66 4.25
N PRO C 53 -2.48 24.96 5.32
CA PRO C 53 -2.67 24.28 6.60
C PRO C 53 -4.05 24.51 7.23
N GLY C 54 -4.35 23.79 8.29
CA GLY C 54 -5.61 24.01 9.05
C GLY C 54 -5.68 23.17 10.31
N PRO C 55 -6.53 23.55 11.27
CA PRO C 55 -6.69 22.78 12.50
C PRO C 55 -7.39 21.43 12.28
N CYS C 56 -8.13 21.28 11.17
CA CYS C 56 -8.89 20.06 10.80
C CYS C 56 -7.96 18.91 10.38
N THR C 57 -8.54 17.77 10.00
CA THR C 57 -7.90 16.66 9.26
C THR C 57 -8.45 16.68 7.83
N PRO C 58 -7.79 16.03 6.85
CA PRO C 58 -8.23 16.11 5.46
C PRO C 58 -9.71 15.85 5.20
N ASP C 59 -10.33 14.93 5.94
CA ASP C 59 -11.76 14.59 5.72
C ASP C 59 -12.62 15.82 5.99
N GLU C 60 -12.27 16.64 6.98
CA GLU C 60 -13.13 17.79 7.38
C GLU C 60 -12.65 19.06 6.69
N ALA C 61 -11.74 18.94 5.71
CA ALA C 61 -11.15 20.10 5.02
C ALA C 61 -11.99 20.47 3.78
N GLY C 62 -13.29 20.20 3.81
CA GLY C 62 -14.20 20.49 2.69
C GLY C 62 -13.71 19.94 1.37
N ILE C 63 -13.47 20.81 0.40
CA ILE C 63 -13.29 20.46 -1.04
C ILE C 63 -11.84 20.02 -1.34
N SER C 64 -10.90 20.25 -0.43
CA SER C 64 -9.45 20.04 -0.73
C SER C 64 -9.21 18.66 -1.34
N LEU C 65 -9.75 17.59 -0.73
CA LEU C 65 -9.62 16.21 -1.27
C LEU C 65 -10.21 16.15 -2.68
N ASP C 66 -11.39 16.72 -2.89
CA ASP C 66 -12.06 16.74 -4.21
C ASP C 66 -11.17 17.44 -5.23
N VAL C 67 -10.50 18.52 -4.82
CA VAL C 67 -9.74 19.39 -5.75
C VAL C 67 -8.48 18.64 -6.19
N ILE C 68 -7.75 18.04 -5.27
CA ILE C 68 -6.49 17.32 -5.57
C ILE C 68 -6.80 16.24 -6.58
N ARG C 69 -7.90 15.51 -6.38
CA ARG C 69 -8.22 14.32 -7.21
C ARG C 69 -8.60 14.76 -8.61
N HIS C 70 -9.26 15.91 -8.77
CA HIS C 70 -9.80 16.35 -10.08
C HIS C 70 -8.76 17.12 -10.87
N TYR C 71 -7.88 17.88 -10.21
CA TYR C 71 -6.96 18.79 -10.90
C TYR C 71 -5.55 18.22 -10.94
N ALA C 72 -5.31 17.07 -10.32
CA ALA C 72 -4.01 16.38 -10.45
C ALA C 72 -3.74 16.10 -11.94
N GLY C 73 -2.63 16.60 -12.47
CA GLY C 73 -2.26 16.42 -13.88
C GLY C 73 -2.68 17.60 -14.74
N ARG C 74 -3.78 18.30 -14.41
CA ARG C 74 -4.17 19.54 -15.12
C ARG C 74 -3.31 20.72 -14.64
N LEU C 75 -3.37 21.04 -13.36
CA LEU C 75 -2.64 22.20 -12.77
C LEU C 75 -1.63 21.68 -11.76
N PRO C 76 -0.49 22.39 -11.60
CA PRO C 76 0.41 22.12 -10.47
C PRO C 76 -0.31 22.38 -9.13
N ILE C 77 -0.08 21.49 -8.15
CA ILE C 77 -0.67 21.63 -6.79
C ILE C 77 0.46 21.54 -5.77
N LEU C 78 0.48 22.45 -4.82
CA LEU C 78 1.41 22.44 -3.67
C LEU C 78 0.60 22.29 -2.37
N GLY C 79 0.86 21.22 -1.62
CA GLY C 79 0.20 21.00 -0.31
C GLY C 79 1.09 21.44 0.83
N VAL C 80 0.61 22.29 1.72
CA VAL C 80 1.37 22.67 2.95
C VAL C 80 0.71 22.04 4.17
N CYS C 81 1.47 21.31 4.97
CA CYS C 81 1.00 20.67 6.23
C CYS C 81 -0.28 19.89 5.89
N LEU C 82 -1.43 20.33 6.41
CA LEU C 82 -2.73 19.70 6.08
C LEU C 82 -2.81 19.34 4.61
N GLY C 83 -2.48 20.27 3.71
CA GLY C 83 -2.53 19.98 2.27
C GLY C 83 -1.60 18.83 1.88
N HIS C 84 -0.46 18.73 2.54
CA HIS C 84 0.50 17.63 2.33
C HIS C 84 -0.13 16.30 2.73
N GLN C 85 -0.79 16.25 3.87
CA GLN C 85 -1.52 15.05 4.33
C GLN C 85 -2.71 14.79 3.40
N ALA C 86 -3.43 15.82 2.99
CA ALA C 86 -4.59 15.68 2.08
C ALA C 86 -4.10 15.04 0.79
N MET C 87 -2.88 15.37 0.38
CA MET C 87 -2.32 14.88 -0.91
C MET C 87 -2.03 13.38 -0.79
N ALA C 88 -1.46 12.94 0.34
CA ALA C 88 -1.21 11.51 0.58
C ALA C 88 -2.55 10.78 0.58
N GLN C 89 -3.48 11.23 1.44
CA GLN C 89 -4.80 10.56 1.67
C GLN C 89 -5.56 10.45 0.35
N ALA C 90 -5.54 11.50 -0.47
CA ALA C 90 -6.25 11.54 -1.77
C ALA C 90 -5.91 10.30 -2.59
N PHE C 91 -4.67 9.81 -2.53
CA PHE C 91 -4.22 8.66 -3.34
C PHE C 91 -4.03 7.44 -2.44
N GLY C 92 -4.79 7.36 -1.34
CA GLY C 92 -4.83 6.16 -0.49
C GLY C 92 -3.77 6.19 0.61
N GLY C 93 -3.27 7.37 0.93
CA GLY C 93 -2.29 7.52 2.03
C GLY C 93 -2.94 7.38 3.39
N LYS C 94 -2.12 7.14 4.40
CA LYS C 94 -2.54 6.98 5.80
C LYS C 94 -1.82 8.01 6.65
N VAL C 95 -2.56 8.90 7.30
CA VAL C 95 -1.95 9.91 8.20
C VAL C 95 -2.17 9.45 9.65
N VAL C 96 -1.09 9.28 10.41
CA VAL C 96 -1.10 8.62 11.73
C VAL C 96 -0.29 9.47 12.70
N ARG C 97 -0.43 9.16 13.99
CA ARG C 97 0.28 9.86 15.10
C ARG C 97 1.79 9.62 14.96
N ALA C 98 2.55 10.63 15.38
CA ALA C 98 4.03 10.67 15.31
C ALA C 98 4.67 9.98 16.52
N ALA C 99 6.00 9.80 16.46
CA ALA C 99 6.85 9.28 17.57
C ALA C 99 6.71 10.17 18.81
N LYS C 100 6.84 11.49 18.64
CA LYS C 100 6.66 12.50 19.71
C LYS C 100 5.78 13.63 19.18
N VAL C 101 4.87 14.15 20.00
CA VAL C 101 3.87 15.15 19.55
C VAL C 101 4.46 16.56 19.75
N MET C 102 5.62 16.83 19.15
CA MET C 102 6.33 18.12 19.34
C MET C 102 5.44 19.26 18.82
N HIS C 103 5.18 20.27 19.66
CA HIS C 103 4.44 21.49 19.27
C HIS C 103 5.44 22.62 18.99
N GLY C 104 6.74 22.30 18.92
CA GLY C 104 7.80 23.29 18.68
C GLY C 104 9.13 22.80 19.22
N LYS C 105 9.85 21.98 18.46
CA LYS C 105 11.09 21.34 18.97
C LYS C 105 12.32 21.81 18.18
N THR C 106 12.14 22.16 16.89
CA THR C 106 13.21 22.67 15.99
C THR C 106 14.25 21.58 15.69
N SER C 107 14.34 21.09 14.45
CA SER C 107 15.17 19.89 14.16
C SER C 107 15.48 19.79 12.67
N PRO C 108 16.58 19.11 12.30
CA PRO C 108 17.04 19.04 10.92
C PRO C 108 16.42 17.94 10.04
N ILE C 109 15.95 18.37 8.89
CA ILE C 109 15.38 17.51 7.81
C ILE C 109 16.41 17.36 6.69
N THR C 110 16.50 16.15 6.15
CA THR C 110 17.30 15.88 4.94
C THR C 110 16.35 15.81 3.74
N HIS C 111 16.78 16.34 2.59
CA HIS C 111 15.95 16.32 1.37
C HIS C 111 16.77 15.89 0.16
N ASN C 112 16.08 15.70 -0.96
CA ASN C 112 16.66 15.21 -2.23
C ASN C 112 17.13 16.40 -3.08
N GLY C 113 16.91 17.63 -2.63
CA GLY C 113 17.35 18.84 -3.36
C GLY C 113 16.69 18.98 -4.72
N GLU C 114 15.53 18.34 -4.94
CA GLU C 114 14.74 18.58 -6.16
C GLU C 114 13.37 19.17 -5.75
N GLY C 115 12.56 19.49 -6.75
CA GLY C 115 11.24 20.12 -6.56
C GLY C 115 11.35 21.40 -5.77
N VAL C 116 10.67 21.50 -4.64
CA VAL C 116 10.65 22.76 -3.86
C VAL C 116 11.95 22.89 -3.06
N PHE C 117 12.78 21.86 -3.03
CA PHE C 117 14.07 21.90 -2.29
C PHE C 117 15.23 22.29 -3.20
N ARG C 118 14.98 22.53 -4.48
CA ARG C 118 16.03 22.88 -5.47
C ARG C 118 16.79 24.11 -4.99
N GLY C 119 18.12 23.98 -4.87
CA GLY C 119 19.00 25.07 -4.43
C GLY C 119 18.88 25.37 -2.94
N LEU C 120 18.36 24.43 -2.16
CA LEU C 120 18.34 24.57 -0.68
C LEU C 120 19.44 23.71 -0.08
N ALA C 121 20.09 24.23 0.96
CA ALA C 121 21.14 23.49 1.68
C ALA C 121 20.51 22.27 2.32
N ASN C 122 21.27 21.19 2.35
CA ASN C 122 20.91 19.93 3.05
C ASN C 122 22.06 19.64 4.00
N PRO C 123 21.80 19.30 5.29
CA PRO C 123 20.46 19.30 5.86
C PRO C 123 19.86 20.70 6.07
N LEU C 124 18.59 20.72 6.43
CA LEU C 124 17.76 21.94 6.55
C LEU C 124 17.12 21.96 7.92
N THR C 125 17.35 23.02 8.70
CA THR C 125 16.85 23.08 10.11
C THR C 125 15.48 23.76 10.10
N VAL C 126 14.45 23.07 10.58
CA VAL C 126 13.04 23.53 10.52
C VAL C 126 12.43 23.38 11.92
N THR C 127 11.31 24.04 12.14
CA THR C 127 10.51 23.89 13.39
C THR C 127 9.16 23.25 13.06
N ARG C 128 8.71 22.28 13.87
CA ARG C 128 7.48 21.50 13.59
C ARG C 128 6.36 21.88 14.55
N TYR C 129 5.14 22.01 14.01
CA TYR C 129 3.90 22.30 14.78
C TYR C 129 2.80 21.34 14.33
N HIS C 130 3.07 20.04 14.42
CA HIS C 130 2.11 19.00 13.98
C HIS C 130 2.28 17.76 14.85
N SER C 131 1.22 16.96 14.91
CA SER C 131 1.19 15.66 15.65
C SER C 131 1.12 14.49 14.65
N LEU C 132 0.58 14.71 13.45
CA LEU C 132 0.27 13.58 12.54
C LEU C 132 1.18 13.64 11.32
N VAL C 133 1.50 12.47 10.79
CA VAL C 133 2.43 12.34 9.64
C VAL C 133 1.90 11.26 8.71
N VAL C 134 2.34 11.35 7.46
CA VAL C 134 2.08 10.32 6.44
C VAL C 134 2.82 9.05 6.83
N GLU C 135 2.12 7.91 6.82
CA GLU C 135 2.69 6.60 7.21
C GLU C 135 3.61 6.13 6.10
N PRO C 136 4.89 5.84 6.40
CA PRO C 136 5.87 5.42 5.38
C PRO C 136 5.54 4.11 4.64
N ASP C 137 5.13 3.05 5.35
CA ASP C 137 4.92 1.73 4.69
C ASP C 137 3.63 1.77 3.86
N SER C 138 2.74 2.73 4.05
CA SER C 138 1.47 2.79 3.30
C SER C 138 1.51 3.89 2.25
N LEU C 139 2.62 4.62 2.10
CA LEU C 139 2.67 5.72 1.09
C LEU C 139 2.47 5.11 -0.29
N PRO C 140 1.53 5.65 -1.11
CA PRO C 140 1.29 5.11 -2.44
C PRO C 140 2.54 5.13 -3.36
N ALA C 141 2.64 4.12 -4.24
CA ALA C 141 3.80 3.92 -5.17
C ALA C 141 3.96 5.14 -6.07
N CYS C 142 2.87 5.85 -6.35
CA CYS C 142 2.88 7.05 -7.23
C CYS C 142 3.66 8.20 -6.58
N PHE C 143 4.05 8.10 -5.31
CA PHE C 143 4.75 9.20 -4.59
C PHE C 143 6.17 8.77 -4.22
N ASP C 144 7.13 9.66 -4.46
CA ASP C 144 8.47 9.60 -3.82
C ASP C 144 8.44 10.48 -2.57
N VAL C 145 9.15 10.04 -1.54
CA VAL C 145 9.48 10.92 -0.39
C VAL C 145 10.63 11.83 -0.80
N THR C 146 10.58 13.08 -0.40
CA THR C 146 11.55 14.12 -0.84
C THR C 146 12.27 14.71 0.35
N ALA C 147 11.68 14.66 1.53
CA ALA C 147 12.31 15.11 2.78
C ALA C 147 11.99 14.12 3.91
N TRP C 148 12.98 13.86 4.76
CA TRP C 148 12.87 12.88 5.87
C TRP C 148 13.33 13.53 7.18
N SER C 149 12.70 13.20 8.30
CA SER C 149 13.15 13.64 9.64
C SER C 149 14.35 12.82 10.09
N GLU C 150 14.75 12.93 11.36
CA GLU C 150 15.87 12.13 11.92
C GLU C 150 15.34 10.74 12.23
N THR C 151 14.10 10.68 12.73
CA THR C 151 13.39 9.41 13.01
C THR C 151 12.86 8.83 11.69
N ARG C 152 13.13 9.52 10.58
CA ARG C 152 12.69 9.16 9.20
C ARG C 152 11.15 9.23 9.13
N GLU C 153 10.60 10.34 9.61
CA GLU C 153 9.19 10.71 9.33
C GLU C 153 9.13 11.43 7.97
N ILE C 154 8.07 11.19 7.21
CA ILE C 154 7.89 11.79 5.86
C ILE C 154 7.66 13.30 6.03
N MET C 155 8.57 14.13 5.54
CA MET C 155 8.46 15.60 5.65
C MET C 155 8.22 16.21 4.27
N GLY C 156 8.25 15.42 3.19
CA GLY C 156 7.89 15.94 1.85
C GLY C 156 7.65 14.82 0.86
N ILE C 157 6.62 14.94 0.03
CA ILE C 157 6.32 13.93 -1.02
C ILE C 157 6.22 14.63 -2.37
N ARG C 158 6.37 13.87 -3.44
CA ARG C 158 6.17 14.40 -4.80
C ARG C 158 5.71 13.25 -5.70
N HIS C 159 4.70 13.52 -6.52
CA HIS C 159 4.19 12.55 -7.50
C HIS C 159 5.28 12.23 -8.51
N ARG C 160 5.34 10.99 -8.96
CA ARG C 160 6.45 10.54 -9.84
C ARG C 160 6.21 11.01 -11.25
N GLN C 161 4.94 11.28 -11.62
CA GLN C 161 4.60 11.74 -13.00
C GLN C 161 4.16 13.20 -12.98
N TRP C 162 3.26 13.57 -12.09
CA TRP C 162 2.60 14.90 -12.16
C TRP C 162 3.30 15.91 -11.27
N ASP C 163 3.03 17.17 -11.50
CA ASP C 163 3.49 18.27 -10.61
C ASP C 163 2.45 18.43 -9.49
N LEU C 164 2.40 17.48 -8.55
CA LEU C 164 1.82 17.77 -7.23
C LEU C 164 2.81 17.36 -6.14
N GLU C 165 3.10 18.28 -5.24
CA GLU C 165 4.18 18.19 -4.25
C GLU C 165 3.62 18.58 -2.88
N GLY C 166 4.14 17.97 -1.82
CA GLY C 166 3.73 18.26 -0.43
C GLY C 166 4.92 18.59 0.43
N VAL C 167 4.71 19.38 1.49
CA VAL C 167 5.67 19.54 2.61
C VAL C 167 4.90 19.49 3.92
N GLN C 168 5.46 18.84 4.92
CA GLN C 168 4.80 18.61 6.22
C GLN C 168 4.99 19.85 7.09
N PHE C 169 6.06 20.59 6.88
CA PHE C 169 6.46 21.70 7.77
C PHE C 169 5.97 22.99 7.12
N HIS C 170 6.03 24.10 7.86
N HIS C 170 6.00 24.09 7.86
CA HIS C 170 5.65 25.46 7.39
CA HIS C 170 5.64 25.41 7.30
C HIS C 170 6.92 26.11 6.85
C HIS C 170 6.92 26.12 6.86
N PRO C 171 6.89 26.80 5.69
CA PRO C 171 7.94 27.73 5.30
C PRO C 171 8.48 28.70 6.36
N GLU C 172 7.61 29.28 7.16
CA GLU C 172 8.01 30.25 8.22
C GLU C 172 8.86 29.48 9.24
N SER C 173 8.54 28.21 9.45
CA SER C 173 9.20 27.35 10.44
C SER C 173 10.56 26.89 9.90
N ILE C 174 10.86 27.15 8.64
CA ILE C 174 12.20 26.85 8.06
C ILE C 174 13.15 27.97 8.46
N LEU C 175 14.20 27.65 9.19
CA LEU C 175 15.10 28.67 9.78
C LEU C 175 16.42 28.76 9.02
N SER C 176 16.85 27.69 8.35
CA SER C 176 18.23 27.54 7.83
C SER C 176 18.39 28.22 6.46
N GLU C 177 17.38 28.23 5.61
CA GLU C 177 17.56 28.64 4.19
C GLU C 177 16.33 29.35 3.64
N GLN C 178 15.63 30.15 4.45
CA GLN C 178 14.49 31.00 4.01
C GLN C 178 13.30 30.13 3.56
N GLY C 179 12.06 30.64 3.68
CA GLY C 179 10.87 29.95 3.18
C GLY C 179 10.49 30.45 1.81
N HIS C 180 11.05 31.58 1.41
CA HIS C 180 10.69 32.28 0.16
C HIS C 180 11.24 31.51 -1.05
N GLN C 181 12.46 30.96 -0.97
CA GLN C 181 13.03 30.28 -2.16
C GLN C 181 12.33 28.93 -2.37
N LEU C 182 11.61 28.46 -1.36
CA LEU C 182 10.92 27.15 -1.43
C LEU C 182 9.59 27.32 -2.19
N LEU C 183 8.85 28.38 -1.92
CA LEU C 183 7.55 28.64 -2.60
C LEU C 183 7.83 29.26 -3.98
N ALA C 184 8.89 30.04 -4.12
CA ALA C 184 9.36 30.54 -5.44
C ALA C 184 9.63 29.33 -6.35
N ASN C 185 10.11 28.23 -5.78
CA ASN C 185 10.41 27.02 -6.58
C ASN C 185 9.12 26.49 -7.16
N PHE C 186 8.07 26.45 -6.36
CA PHE C 186 6.74 26.04 -6.85
C PHE C 186 6.29 27.03 -7.93
N LEU C 187 6.49 28.31 -7.69
CA LEU C 187 5.88 29.38 -8.50
C LEU C 187 6.54 29.44 -9.87
N HIS C 188 7.86 29.24 -9.95
CA HIS C 188 8.66 29.47 -11.18
C HIS C 188 9.18 28.17 -11.76
N ARG C 189 8.44 27.08 -11.59
CA ARG C 189 8.64 25.85 -12.39
C ARG C 189 8.20 26.15 -13.84
#